data_2XJF
#
_entry.id   2XJF
#
_cell.length_a   92.095
_cell.length_b   128.222
_cell.length_c   130.439
_cell.angle_alpha   90.00
_cell.angle_beta   90.00
_cell.angle_gamma   90.00
#
_symmetry.space_group_name_H-M   'I 2 2 2'
#
loop_
_entity.id
_entity.type
_entity.pdbx_description
1 polymer "CYTOSOLIC PURINE 5'-NUCLEOTIDASE"
2 non-polymer '(2R)-2,3-diphosphoglyceric acid'
3 non-polymer GLYCEROL
4 water water
#
_entity_poly.entity_id   1
_entity_poly.type   'polypeptide(L)'
_entity_poly.pdbx_seq_one_letter_code
;MGSSHHHHHHSSGLVPRGSMSTSWSDRLQNAADMPANMDKHALKKYRREAYHRVFVNRSLAMEKIKCFGF(A5N)MDYTL
AVYKSPEYESLGFELTVERLVSIGYPQELLSFAYDSTFPTRGLVFDTLYGNLLKVDAYGNLLVCAHGFNFIRGPETREQY
PNKFIQRDDTERFYILNTLFNLPETYLLACLVDFFTNCPRYTSCETGFKDGDLFMSYRSMFQDVRDAVDWVHYKGSLKEK
TVENLEKYVVKDGKLPLLLSRMKEVGKVFLATNSDYKYTDKIMTYLFDFPHGPKPGSSHRPWQSYFDLILVDARKPLFFG
EGTVLRQVDTKTGKLKIGTYTGPLQHGIVYSGGSSDTICDLLGAKGKDILYIGDHIFGDILKSKKRQGWRTFLVIPELAQ
ELHVWTDKSSLFEELQSLDIFLAELYKHLDSSSNERPDISSIQRRIKKVTHDMDMCYGMMGSLFRSGSRQTLFASQVMRY
ADLYAASFINLLYYPFSYLFRAAHVLMPHESTVEHTHVDINEMESPLATRNRTSVDFKDTDYKRHQLTRSISEIKPPNL
;
_entity_poly.pdbx_strand_id   A
#
# COMPACT_ATOMS: atom_id res chain seq x y z
N THR A 22 -4.12 -18.54 6.07
CA THR A 22 -2.78 -18.02 5.67
C THR A 22 -2.94 -16.66 4.95
N SER A 23 -2.81 -15.58 5.72
CA SER A 23 -2.80 -14.25 5.14
C SER A 23 -1.43 -13.95 4.50
N TRP A 24 -1.35 -12.87 3.73
CA TRP A 24 -0.09 -12.49 3.12
C TRP A 24 0.97 -12.13 4.19
N SER A 25 0.54 -11.58 5.33
CA SER A 25 1.48 -11.21 6.41
C SER A 25 1.98 -12.44 7.20
N ASP A 26 1.17 -13.52 7.27
CA ASP A 26 1.64 -14.84 7.70
C ASP A 26 2.77 -15.34 6.78
N ARG A 27 2.59 -15.20 5.47
CA ARG A 27 3.62 -15.59 4.50
C ARG A 27 4.86 -14.75 4.79
N LEU A 28 4.66 -13.44 4.94
CA LEU A 28 5.77 -12.53 5.16
C LEU A 28 6.53 -12.83 6.48
N GLN A 29 5.78 -13.04 7.57
CA GLN A 29 6.37 -13.33 8.86
C GLN A 29 7.07 -14.70 8.86
N ASN A 30 6.50 -15.69 8.15
CA ASN A 30 7.13 -17.02 8.01
C ASN A 30 8.51 -16.85 7.38
N ALA A 31 8.58 -16.03 6.35
CA ALA A 31 9.85 -15.71 5.69
C ALA A 31 10.81 -14.90 6.61
N ALA A 32 10.25 -13.97 7.39
CA ALA A 32 11.04 -13.14 8.34
C ALA A 32 11.69 -13.98 9.44
N ASP A 33 11.04 -15.09 9.80
CA ASP A 33 11.57 -15.96 10.88
C ASP A 33 12.82 -16.76 10.45
N MET A 34 13.07 -16.77 9.14
CA MET A 34 14.26 -17.41 8.56
C MET A 34 15.55 -16.57 8.69
N PRO A 35 16.61 -17.12 9.33
CA PRO A 35 17.90 -16.44 9.35
C PRO A 35 18.48 -16.36 7.94
N ALA A 36 19.31 -15.36 7.68
CA ALA A 36 19.94 -15.20 6.37
C ALA A 36 21.18 -16.08 6.24
N ASN A 37 21.18 -16.89 5.19
CA ASN A 37 22.33 -17.66 4.75
C ASN A 37 22.88 -16.87 3.56
N MET A 38 24.06 -16.27 3.71
CA MET A 38 24.59 -15.30 2.72
C MET A 38 25.63 -15.91 1.81
N ASP A 39 25.73 -17.24 1.88
CA ASP A 39 26.50 -18.04 0.93
C ASP A 39 25.97 -17.65 -0.46
N LYS A 40 26.87 -17.23 -1.36
CA LYS A 40 26.54 -16.73 -2.71
C LYS A 40 25.63 -17.66 -3.51
N HIS A 41 25.81 -18.97 -3.34
CA HIS A 41 25.00 -19.99 -4.03
C HIS A 41 23.65 -20.22 -3.37
N ALA A 42 23.63 -20.10 -2.04
CA ALA A 42 22.39 -20.19 -1.30
C ALA A 42 21.48 -19.02 -1.70
N LEU A 43 22.06 -17.84 -1.92
CA LEU A 43 21.28 -16.67 -2.37
C LEU A 43 20.67 -16.85 -3.75
N LYS A 44 21.49 -17.23 -4.74
CA LYS A 44 20.99 -17.55 -6.09
C LYS A 44 19.85 -18.59 -6.04
N LYS A 45 20.06 -19.67 -5.28
CA LYS A 45 19.04 -20.71 -5.11
C LYS A 45 17.73 -20.17 -4.52
N TYR A 46 17.83 -19.33 -3.48
CA TYR A 46 16.67 -18.70 -2.84
C TYR A 46 15.76 -17.84 -3.74
N ARG A 47 16.36 -16.96 -4.56
CA ARG A 47 15.63 -16.03 -5.45
C ARG A 47 15.09 -16.72 -6.71
N ARG A 48 15.16 -18.04 -6.73
CA ARG A 48 14.52 -18.86 -7.75
C ARG A 48 13.04 -19.00 -7.42
N GLU A 49 12.73 -19.01 -6.12
CA GLU A 49 11.35 -19.07 -5.66
C GLU A 49 10.68 -17.71 -5.90
N ALA A 50 9.52 -17.73 -6.55
CA ALA A 50 8.78 -16.50 -6.89
C ALA A 50 8.59 -15.59 -5.70
N TYR A 51 8.37 -16.21 -4.54
CA TYR A 51 8.13 -15.53 -3.25
C TYR A 51 9.31 -14.66 -2.81
N HIS A 52 10.50 -15.00 -3.25
CA HIS A 52 11.68 -14.26 -2.80
C HIS A 52 12.33 -13.46 -3.91
N ARG A 53 11.63 -13.32 -5.03
CA ARG A 53 12.13 -12.63 -6.21
C ARG A 53 11.80 -11.14 -6.20
N VAL A 54 12.62 -10.38 -6.92
CA VAL A 54 12.30 -8.98 -7.24
C VAL A 54 11.93 -9.01 -8.74
N PHE A 55 10.75 -8.47 -9.04
CA PHE A 55 10.15 -8.49 -10.37
C PHE A 55 10.48 -7.14 -11.06
N VAL A 56 10.75 -7.20 -12.37
CA VAL A 56 11.36 -6.05 -13.07
C VAL A 56 10.42 -5.56 -14.17
N ASN A 57 9.97 -4.32 -14.04
CA ASN A 57 9.25 -3.67 -15.16
C ASN A 57 10.14 -2.93 -16.11
N ARG A 58 11.21 -2.31 -15.60
CA ARG A 58 12.17 -1.64 -16.47
C ARG A 58 13.53 -1.97 -15.89
N SER A 59 14.53 -2.11 -16.77
CA SER A 59 15.88 -2.40 -16.34
C SER A 59 16.44 -1.36 -15.37
N LEU A 60 17.25 -1.87 -14.44
CA LEU A 60 17.83 -1.09 -13.38
C LEU A 60 19.15 -1.75 -12.99
N ALA A 61 20.24 -1.01 -13.26
CA ALA A 61 21.59 -1.36 -12.89
C ALA A 61 21.81 -0.91 -11.42
N MET A 62 21.87 -1.88 -10.51
CA MET A 62 22.01 -1.59 -9.08
C MET A 62 23.31 -0.87 -8.76
N GLU A 63 24.35 -1.12 -9.56
CA GLU A 63 25.60 -0.39 -9.37
C GLU A 63 25.48 1.13 -9.53
N LYS A 64 24.46 1.61 -10.28
CA LYS A 64 24.26 3.05 -10.44
C LYS A 64 23.51 3.68 -9.26
N ILE A 65 22.96 2.85 -8.38
CA ILE A 65 22.14 3.38 -7.30
C ILE A 65 23.06 3.88 -6.20
N LYS A 66 22.95 5.17 -5.90
CA LYS A 66 23.75 5.75 -4.85
C LYS A 66 23.02 5.99 -3.53
N CYS A 67 21.69 6.15 -3.54
CA CYS A 67 20.89 6.32 -2.32
C CYS A 67 19.71 5.42 -2.33
N PHE A 68 19.47 4.77 -1.19
CA PHE A 68 18.28 4.00 -0.99
C PHE A 68 17.38 4.78 -0.05
N GLY A 69 16.16 5.07 -0.48
CA GLY A 69 15.21 5.79 0.32
C GLY A 69 14.01 4.92 0.69
N PHE A 70 13.48 5.13 1.89
CA PHE A 70 12.34 4.35 2.42
C PHE A 70 11.23 5.27 2.88
N MET A 72 8.07 4.29 5.85
CA MET A 72 8.00 3.38 6.99
C MET A 72 6.80 2.47 6.82
N ASP A 73 5.63 3.07 6.73
CA ASP A 73 4.34 2.35 6.82
C ASP A 73 4.10 1.39 5.66
N TYR A 74 3.84 0.12 6.00
CA TYR A 74 3.78 -0.99 5.02
C TYR A 74 4.98 -1.18 4.12
N THR A 75 6.15 -0.71 4.57
CA THR A 75 7.39 -0.89 3.84
C THR A 75 8.41 -1.48 4.78
N LEU A 76 8.83 -0.69 5.77
CA LEU A 76 9.68 -1.13 6.86
C LEU A 76 8.79 -1.80 7.96
N ALA A 77 7.63 -1.19 8.21
CA ALA A 77 6.71 -1.65 9.21
C ALA A 77 5.49 -2.20 8.47
N VAL A 78 5.46 -3.52 8.34
CA VAL A 78 4.36 -4.14 7.63
C VAL A 78 3.33 -4.62 8.66
N TYR A 79 2.15 -4.04 8.63
CA TYR A 79 1.16 -4.37 9.65
C TYR A 79 0.49 -5.72 9.36
N LYS A 80 0.36 -6.53 10.40
CA LYS A 80 -0.23 -7.87 10.27
C LYS A 80 -1.73 -7.89 9.91
N SER A 81 -2.07 -8.82 9.01
CA SER A 81 -3.40 -8.91 8.48
C SER A 81 -4.02 -10.25 8.87
N PRO A 82 -5.34 -10.28 9.16
CA PRO A 82 -6.34 -9.21 9.18
C PRO A 82 -6.36 -8.39 10.46
N GLU A 83 -5.49 -8.71 11.43
CA GLU A 83 -5.53 -8.05 12.75
C GLU A 83 -5.51 -6.54 12.69
N TYR A 84 -4.57 -5.95 11.93
CA TYR A 84 -4.50 -4.49 11.94
C TYR A 84 -5.70 -3.85 11.21
N GLU A 85 -6.13 -4.44 10.08
CA GLU A 85 -7.33 -3.92 9.37
C GLU A 85 -8.56 -4.01 10.30
N SER A 86 -8.69 -5.17 10.96
CA SER A 86 -9.79 -5.38 11.85
C SER A 86 -9.85 -4.34 13.03
N LEU A 87 -8.69 -3.98 13.61
CA LEU A 87 -8.54 -2.91 14.61
C LEU A 87 -8.92 -1.53 14.05
N GLY A 88 -8.44 -1.18 12.86
CA GLY A 88 -8.89 0.06 12.18
C GLY A 88 -10.39 0.11 11.95
N PHE A 89 -10.92 -1.00 11.46
CA PHE A 89 -12.35 -1.14 11.24
C PHE A 89 -13.15 -0.91 12.55
N GLU A 90 -12.77 -1.60 13.62
CA GLU A 90 -13.46 -1.46 14.93
C GLU A 90 -13.44 -0.03 15.43
N LEU A 91 -12.28 0.61 15.37
CA LEU A 91 -12.16 1.98 15.88
C LEU A 91 -12.93 2.98 15.00
N THR A 92 -13.00 2.70 13.69
CA THR A 92 -13.77 3.60 12.77
C THR A 92 -15.24 3.46 13.01
N VAL A 93 -15.70 2.22 13.11
CA VAL A 93 -17.08 2.00 13.55
C VAL A 93 -17.43 2.70 14.87
N GLU A 94 -16.58 2.54 15.88
N GLU A 94 -16.58 2.52 15.89
CA GLU A 94 -16.78 3.16 17.18
CA GLU A 94 -16.74 3.16 17.19
C GLU A 94 -16.87 4.68 17.07
C GLU A 94 -16.89 4.67 17.03
N ARG A 95 -16.02 5.26 16.22
CA ARG A 95 -16.05 6.71 15.93
C ARG A 95 -17.38 7.15 15.24
N LEU A 96 -17.80 6.41 14.22
CA LEU A 96 -19.12 6.69 13.57
C LEU A 96 -20.30 6.60 14.54
N VAL A 97 -20.37 5.53 15.33
CA VAL A 97 -21.40 5.41 16.36
C VAL A 97 -21.37 6.57 17.35
N SER A 98 -20.19 6.97 17.81
CA SER A 98 -20.15 8.07 18.76
C SER A 98 -20.58 9.45 18.16
N ILE A 99 -20.49 9.63 16.85
CA ILE A 99 -21.01 10.87 16.23
C ILE A 99 -22.48 10.73 15.82
N GLY A 100 -23.08 9.57 16.08
CA GLY A 100 -24.53 9.42 15.95
C GLY A 100 -25.06 8.45 14.91
N TYR A 101 -24.19 7.68 14.26
CA TYR A 101 -24.62 6.53 13.43
C TYR A 101 -25.28 5.45 14.30
N PRO A 102 -26.24 4.72 13.71
CA PRO A 102 -26.97 3.75 14.54
C PRO A 102 -26.12 2.67 15.24
N GLN A 103 -26.66 2.17 16.34
CA GLN A 103 -26.06 1.16 17.17
C GLN A 103 -25.74 -0.13 16.45
N GLU A 104 -26.51 -0.48 15.43
CA GLU A 104 -26.33 -1.71 14.67
C GLU A 104 -24.96 -1.87 14.04
N LEU A 105 -24.32 -0.74 13.70
CA LEU A 105 -22.93 -0.75 13.27
C LEU A 105 -22.02 -1.59 14.16
N LEU A 106 -22.28 -1.57 15.46
CA LEU A 106 -21.49 -2.35 16.43
C LEU A 106 -21.53 -3.85 16.16
N SER A 107 -22.50 -4.33 15.38
CA SER A 107 -22.61 -5.76 15.12
C SER A 107 -21.88 -6.15 13.80
N PHE A 108 -21.26 -5.17 13.11
CA PHE A 108 -20.42 -5.45 11.93
C PHE A 108 -19.13 -6.12 12.45
N ALA A 109 -18.52 -7.00 11.66
CA ALA A 109 -17.20 -7.52 12.01
C ALA A 109 -16.39 -7.54 10.73
N TYR A 110 -15.15 -7.08 10.80
CA TYR A 110 -14.27 -7.02 9.59
C TYR A 110 -14.20 -8.41 8.93
N ASP A 111 -14.30 -8.44 7.61
CA ASP A 111 -14.20 -9.67 6.85
C ASP A 111 -13.15 -9.45 5.79
N SER A 112 -11.99 -10.05 5.99
CA SER A 112 -10.87 -9.89 5.09
C SER A 112 -11.11 -10.58 3.73
N THR A 113 -12.11 -11.44 3.58
CA THR A 113 -12.39 -12.05 2.28
C THR A 113 -13.18 -11.14 1.31
N PHE A 114 -13.74 -10.03 1.79
CA PHE A 114 -14.43 -9.10 0.86
C PHE A 114 -13.50 -8.11 0.10
N PRO A 115 -12.75 -7.24 0.80
CA PRO A 115 -12.14 -6.11 0.08
C PRO A 115 -10.87 -6.52 -0.62
N THR A 116 -10.72 -5.95 -1.82
CA THR A 116 -9.48 -6.03 -2.57
C THR A 116 -9.08 -4.59 -2.65
N ARG A 117 -7.78 -4.33 -2.60
CA ARG A 117 -7.28 -2.99 -2.76
C ARG A 117 -7.48 -2.42 -4.19
N GLY A 118 -7.69 -1.11 -4.27
CA GLY A 118 -7.78 -0.39 -5.55
C GLY A 118 -9.17 -0.21 -6.08
N LEU A 119 -10.17 -0.51 -5.26
CA LEU A 119 -11.55 -0.38 -5.70
C LEU A 119 -11.91 1.09 -5.77
N VAL A 120 -12.90 1.42 -6.61
CA VAL A 120 -13.41 2.78 -6.69
C VAL A 120 -14.76 2.87 -6.00
N PHE A 121 -14.95 3.83 -5.10
CA PHE A 121 -16.29 4.06 -4.57
C PHE A 121 -16.99 5.13 -5.40
N ASP A 122 -18.13 4.77 -5.99
CA ASP A 122 -18.89 5.71 -6.76
C ASP A 122 -19.80 6.44 -5.76
N THR A 123 -19.48 7.69 -5.41
CA THR A 123 -20.25 8.38 -4.37
C THR A 123 -21.66 8.83 -4.83
N LEU A 124 -21.93 8.82 -6.14
CA LEU A 124 -23.26 9.17 -6.62
C LEU A 124 -24.21 8.01 -6.35
N TYR A 125 -23.83 6.80 -6.75
CA TYR A 125 -24.75 5.66 -6.69
C TYR A 125 -24.45 4.63 -5.62
N GLY A 126 -23.36 4.83 -4.90
CA GLY A 126 -23.04 3.99 -3.72
C GLY A 126 -22.51 2.63 -4.06
N ASN A 127 -21.78 2.50 -5.17
CA ASN A 127 -21.26 1.20 -5.63
C ASN A 127 -19.76 1.18 -5.43
N LEU A 128 -19.23 0.00 -5.10
CA LEU A 128 -17.79 -0.25 -5.26
C LEU A 128 -17.51 -0.85 -6.65
N LEU A 129 -16.47 -0.36 -7.30
CA LEU A 129 -16.20 -0.78 -8.66
C LEU A 129 -14.76 -1.24 -8.77
N LYS A 130 -14.56 -2.32 -9.50
CA LYS A 130 -13.24 -2.73 -9.88
C LYS A 130 -13.15 -2.36 -11.37
N VAL A 131 -12.11 -1.57 -11.73
CA VAL A 131 -12.02 -0.99 -13.12
C VAL A 131 -10.64 -1.32 -13.74
N ASP A 132 -10.55 -1.33 -15.08
CA ASP A 132 -9.25 -1.45 -15.76
C ASP A 132 -8.61 -0.04 -15.93
N ALA A 133 -7.47 0.07 -16.65
CA ALA A 133 -6.76 1.36 -16.78
C ALA A 133 -7.53 2.40 -17.59
N TYR A 134 -8.53 1.95 -18.33
CA TYR A 134 -9.33 2.85 -19.19
C TYR A 134 -10.68 3.19 -18.57
N GLY A 135 -10.91 2.84 -17.31
CA GLY A 135 -12.21 3.12 -16.69
C GLY A 135 -13.32 2.13 -17.07
N ASN A 136 -13.02 1.03 -17.77
CA ASN A 136 -14.00 -0.03 -17.98
C ASN A 136 -14.27 -0.84 -16.71
N LEU A 137 -15.54 -1.11 -16.46
CA LEU A 137 -15.99 -1.81 -15.25
C LEU A 137 -15.77 -3.27 -15.41
N LEU A 138 -15.08 -3.84 -14.43
CA LEU A 138 -14.84 -5.26 -14.31
C LEU A 138 -15.81 -5.89 -13.29
N VAL A 139 -16.07 -5.20 -12.18
CA VAL A 139 -16.93 -5.69 -11.11
C VAL A 139 -17.70 -4.48 -10.57
N CYS A 140 -18.97 -4.69 -10.27
CA CYS A 140 -19.79 -3.69 -9.61
C CYS A 140 -20.52 -4.36 -8.47
N ALA A 141 -20.37 -3.83 -7.25
CA ALA A 141 -21.16 -4.33 -6.12
C ALA A 141 -21.82 -3.17 -5.39
N HIS A 142 -23.11 -3.33 -5.13
CA HIS A 142 -23.86 -2.40 -4.32
C HIS A 142 -24.14 -3.08 -2.96
N GLY A 143 -23.48 -2.59 -1.90
CA GLY A 143 -23.43 -3.35 -0.64
C GLY A 143 -22.74 -4.66 -0.94
N PHE A 144 -23.45 -5.77 -0.69
CA PHE A 144 -22.93 -7.10 -0.94
C PHE A 144 -23.61 -7.81 -2.13
N ASN A 145 -24.36 -7.05 -2.93
CA ASN A 145 -25.02 -7.58 -4.12
C ASN A 145 -24.10 -7.25 -5.31
N PHE A 146 -23.53 -8.30 -5.92
CA PHE A 146 -22.74 -8.17 -7.16
C PHE A 146 -23.66 -8.06 -8.36
N ILE A 147 -23.60 -6.91 -9.01
CA ILE A 147 -24.49 -6.52 -10.09
C ILE A 147 -23.91 -7.07 -11.41
N ARG A 148 -24.72 -7.81 -12.16
CA ARG A 148 -24.31 -8.39 -13.46
C ARG A 148 -24.54 -7.39 -14.58
N GLY A 149 -24.09 -7.75 -15.78
CA GLY A 149 -24.12 -6.90 -16.98
C GLY A 149 -25.30 -5.97 -17.26
N PRO A 150 -26.49 -6.54 -17.54
CA PRO A 150 -27.66 -5.69 -17.85
C PRO A 150 -28.04 -4.64 -16.80
N GLU A 151 -28.00 -5.03 -15.53
CA GLU A 151 -28.36 -4.11 -14.43
C GLU A 151 -27.34 -2.98 -14.29
N THR A 152 -26.07 -3.25 -14.56
CA THR A 152 -25.00 -2.22 -14.42
C THR A 152 -25.14 -1.16 -15.50
N ARG A 153 -25.60 -1.58 -16.68
CA ARG A 153 -25.83 -0.66 -17.81
C ARG A 153 -26.89 0.39 -17.49
N GLU A 154 -27.78 0.11 -16.56
CA GLU A 154 -28.76 1.12 -16.10
C GLU A 154 -28.08 2.37 -15.54
N GLN A 155 -27.07 2.20 -14.67
CA GLN A 155 -26.26 3.31 -14.12
C GLN A 155 -24.98 3.70 -14.91
N TYR A 156 -24.45 2.79 -15.72
CA TYR A 156 -23.17 2.94 -16.45
C TYR A 156 -23.43 2.41 -17.84
N PRO A 157 -24.10 3.23 -18.68
CA PRO A 157 -24.57 2.85 -20.01
C PRO A 157 -23.46 2.39 -20.94
N ASN A 158 -22.22 2.81 -20.68
CA ASN A 158 -21.12 2.45 -21.54
C ASN A 158 -20.20 1.48 -20.78
N LYS A 159 -20.65 1.01 -19.60
CA LYS A 159 -19.82 0.20 -18.63
C LYS A 159 -18.44 0.84 -18.36
N PHE A 160 -18.46 2.13 -18.07
CA PHE A 160 -17.29 2.99 -18.12
C PHE A 160 -17.52 4.11 -17.12
N ILE A 161 -16.46 4.48 -16.40
CA ILE A 161 -16.46 5.70 -15.58
C ILE A 161 -15.29 6.60 -16.01
N GLN A 162 -15.47 7.89 -15.83
CA GLN A 162 -14.43 8.87 -16.12
C GLN A 162 -13.66 9.01 -14.83
N ARG A 163 -12.49 8.39 -14.70
CA ARG A 163 -11.84 8.46 -13.36
C ARG A 163 -11.21 9.81 -12.96
N ASP A 164 -11.02 10.69 -13.93
CA ASP A 164 -10.68 12.09 -13.65
C ASP A 164 -11.83 12.88 -12.96
N ASP A 165 -12.99 12.25 -12.78
CA ASP A 165 -14.11 12.88 -12.07
C ASP A 165 -13.93 12.57 -10.58
N THR A 166 -12.97 13.26 -9.99
CA THR A 166 -12.50 12.97 -8.63
C THR A 166 -13.47 13.44 -7.54
N GLU A 167 -14.41 14.31 -7.89
CA GLU A 167 -15.53 14.66 -7.04
C GLU A 167 -16.48 13.48 -6.84
N ARG A 168 -16.67 12.68 -7.88
CA ARG A 168 -17.61 11.57 -7.80
C ARG A 168 -16.97 10.26 -7.37
N PHE A 169 -15.77 9.99 -7.89
CA PHE A 169 -15.11 8.69 -7.74
C PHE A 169 -13.92 8.78 -6.81
N TYR A 170 -13.87 7.93 -5.81
CA TYR A 170 -12.71 7.90 -4.95
C TYR A 170 -12.03 6.52 -5.03
N ILE A 171 -10.74 6.54 -5.29
CA ILE A 171 -9.99 5.30 -5.49
C ILE A 171 -9.26 4.90 -4.21
N LEU A 172 -9.55 3.69 -3.76
CA LEU A 172 -9.16 3.18 -2.43
C LEU A 172 -7.91 2.35 -2.60
N ASN A 173 -6.83 3.07 -2.86
CA ASN A 173 -5.56 2.54 -3.29
C ASN A 173 -4.55 2.09 -2.25
N THR A 174 -4.78 2.43 -1.00
CA THR A 174 -3.81 2.11 0.05
C THR A 174 -4.28 0.98 0.93
N LEU A 175 -3.35 0.31 1.61
CA LEU A 175 -3.73 -0.76 2.50
C LEU A 175 -4.47 -0.19 3.71
N PHE A 176 -4.18 1.06 4.07
CA PHE A 176 -4.99 1.74 5.09
C PHE A 176 -6.46 1.87 4.69
N ASN A 177 -6.79 1.84 3.39
CA ASN A 177 -8.19 1.95 2.95
C ASN A 177 -8.93 0.60 2.95
N LEU A 178 -8.28 -0.51 3.30
CA LEU A 178 -9.02 -1.79 3.28
C LEU A 178 -10.20 -1.84 4.26
N PRO A 179 -10.00 -1.44 5.54
CA PRO A 179 -11.20 -1.40 6.42
C PRO A 179 -12.37 -0.56 5.92
N GLU A 180 -12.10 0.66 5.42
CA GLU A 180 -13.17 1.47 4.89
C GLU A 180 -13.77 0.93 3.61
N THR A 181 -13.03 0.21 2.76
CA THR A 181 -13.63 -0.46 1.60
C THR A 181 -14.78 -1.41 2.13
N TYR A 182 -14.45 -2.22 3.14
CA TYR A 182 -15.41 -3.19 3.66
C TYR A 182 -16.55 -2.45 4.34
N LEU A 183 -16.20 -1.42 5.12
CA LEU A 183 -17.20 -0.66 5.87
C LEU A 183 -18.21 0.08 4.98
N LEU A 184 -17.73 0.63 3.86
CA LEU A 184 -18.68 1.23 2.91
C LEU A 184 -19.71 0.22 2.43
N ALA A 185 -19.29 -1.00 2.08
CA ALA A 185 -20.21 -2.02 1.67
C ALA A 185 -21.18 -2.47 2.83
N CYS A 186 -20.63 -2.67 4.03
CA CYS A 186 -21.46 -2.91 5.24
C CYS A 186 -22.51 -1.83 5.44
N LEU A 187 -22.13 -0.56 5.37
CA LEU A 187 -23.09 0.55 5.51
C LEU A 187 -24.20 0.54 4.43
N VAL A 188 -23.84 0.51 3.14
CA VAL A 188 -24.82 0.41 2.04
C VAL A 188 -25.74 -0.79 2.26
N ASP A 189 -25.14 -1.93 2.64
CA ASP A 189 -25.94 -3.11 2.93
C ASP A 189 -26.88 -2.88 4.10
N PHE A 190 -26.40 -2.25 5.16
CA PHE A 190 -27.26 -2.07 6.34
C PHE A 190 -28.44 -1.14 6.06
N PHE A 191 -28.17 0.04 5.53
CA PHE A 191 -29.22 1.03 5.25
C PHE A 191 -30.23 0.54 4.20
N THR A 192 -29.76 -0.20 3.19
CA THR A 192 -30.67 -0.77 2.20
C THR A 192 -31.66 -1.73 2.85
N ASN A 193 -31.20 -2.54 3.80
CA ASN A 193 -32.07 -3.58 4.34
C ASN A 193 -32.79 -3.21 5.64
N CYS A 194 -32.56 -2.00 6.16
CA CYS A 194 -33.20 -1.54 7.39
C CYS A 194 -34.51 -0.79 7.06
N PRO A 195 -35.66 -1.30 7.53
CA PRO A 195 -36.93 -0.68 7.17
C PRO A 195 -37.16 0.75 7.70
N ARG A 196 -36.32 1.24 8.62
CA ARG A 196 -36.32 2.67 9.01
C ARG A 196 -35.95 3.64 7.85
N TYR A 197 -35.20 3.14 6.87
CA TYR A 197 -34.69 3.96 5.79
C TYR A 197 -35.32 3.58 4.46
N THR A 198 -35.60 4.59 3.65
CA THR A 198 -36.04 4.37 2.28
C THR A 198 -34.87 4.56 1.31
N SER A 199 -34.64 3.56 0.45
CA SER A 199 -33.54 3.59 -0.49
C SER A 199 -33.90 4.45 -1.69
N CYS A 200 -33.01 5.35 -2.07
CA CYS A 200 -33.18 6.22 -3.23
C CYS A 200 -31.99 5.99 -4.16
N GLU A 201 -32.03 6.55 -5.35
CA GLU A 201 -30.93 6.36 -6.30
C GLU A 201 -29.58 6.88 -5.75
N THR A 202 -29.60 7.97 -4.99
CA THR A 202 -28.36 8.61 -4.60
C THR A 202 -28.13 8.60 -3.07
N GLY A 203 -29.00 7.90 -2.35
CA GLY A 203 -28.83 7.74 -0.89
C GLY A 203 -30.07 7.18 -0.20
N PHE A 204 -30.24 7.55 1.07
CA PHE A 204 -31.27 6.99 1.94
C PHE A 204 -32.05 8.11 2.60
N LYS A 205 -33.35 7.96 2.61
CA LYS A 205 -34.26 8.85 3.32
C LYS A 205 -34.65 8.23 4.68
N ASP A 206 -34.46 9.01 5.75
CA ASP A 206 -34.94 8.67 7.12
C ASP A 206 -35.91 9.77 7.60
N GLY A 207 -37.16 9.70 7.17
CA GLY A 207 -38.13 10.78 7.43
C GLY A 207 -37.69 12.07 6.74
N ASP A 208 -37.39 13.09 7.54
CA ASP A 208 -36.97 14.41 7.06
C ASP A 208 -35.44 14.56 6.99
N LEU A 209 -34.71 13.46 7.00
CA LEU A 209 -33.30 13.50 6.85
C LEU A 209 -32.95 12.68 5.62
N PHE A 210 -32.13 13.26 4.75
CA PHE A 210 -31.60 12.57 3.59
C PHE A 210 -30.09 12.46 3.71
N MET A 211 -29.60 11.22 3.70
CA MET A 211 -28.18 10.94 3.71
C MET A 211 -27.78 10.37 2.34
N SER A 212 -27.03 11.15 1.59
CA SER A 212 -26.53 10.74 0.31
C SER A 212 -25.38 9.78 0.51
N TYR A 213 -25.16 8.87 -0.46
CA TYR A 213 -23.94 8.05 -0.44
C TYR A 213 -22.68 8.92 -0.29
N ARG A 214 -22.72 10.12 -0.86
CA ARG A 214 -21.58 11.02 -0.86
C ARG A 214 -21.26 11.52 0.55
N SER A 215 -22.29 11.90 1.30
CA SER A 215 -22.03 12.41 2.63
C SER A 215 -21.73 11.27 3.60
N MET A 216 -22.32 10.11 3.35
CA MET A 216 -21.95 8.90 4.06
C MET A 216 -20.46 8.54 3.84
N PHE A 217 -20.04 8.51 2.58
CA PHE A 217 -18.65 8.31 2.26
C PHE A 217 -17.74 9.30 3.00
N GLN A 218 -18.12 10.59 3.01
CA GLN A 218 -17.33 11.63 3.67
C GLN A 218 -17.22 11.40 5.17
N ASP A 219 -18.32 11.03 5.82
CA ASP A 219 -18.27 10.61 7.23
C ASP A 219 -17.28 9.46 7.50
N VAL A 220 -17.32 8.43 6.67
CA VAL A 220 -16.42 7.30 6.78
C VAL A 220 -14.98 7.74 6.65
N ARG A 221 -14.69 8.53 5.62
CA ARG A 221 -13.35 8.99 5.32
C ARG A 221 -12.80 9.86 6.48
N ASP A 222 -13.67 10.70 7.05
CA ASP A 222 -13.36 11.58 8.17
C ASP A 222 -13.06 10.78 9.43
N ALA A 223 -13.86 9.73 9.67
CA ALA A 223 -13.71 8.85 10.86
C ALA A 223 -12.39 8.02 10.79
N VAL A 224 -12.04 7.52 9.61
CA VAL A 224 -10.73 6.88 9.35
C VAL A 224 -9.57 7.84 9.62
N ASP A 225 -9.64 9.04 9.03
CA ASP A 225 -8.66 10.10 9.33
C ASP A 225 -8.54 10.37 10.84
N TRP A 226 -9.67 10.58 11.50
CA TRP A 226 -9.74 10.83 12.93
C TRP A 226 -9.07 9.68 13.71
N VAL A 227 -9.42 8.45 13.40
CA VAL A 227 -8.90 7.28 14.07
C VAL A 227 -7.35 7.25 14.05
N HIS A 228 -6.75 7.57 12.89
CA HIS A 228 -5.29 7.66 12.75
C HIS A 228 -4.67 8.89 13.43
N TYR A 229 -5.33 10.04 13.38
CA TYR A 229 -4.70 11.27 13.86
C TYR A 229 -5.08 11.69 15.26
N LYS A 230 -6.32 11.44 15.67
CA LYS A 230 -6.83 11.93 16.95
C LYS A 230 -7.30 10.79 17.86
N GLY A 231 -7.50 9.59 17.31
CA GLY A 231 -8.04 8.47 18.06
C GLY A 231 -6.99 7.51 18.60
N SER A 232 -7.40 6.26 18.80
CA SER A 232 -6.59 5.35 19.62
C SER A 232 -5.80 4.33 18.84
N LEU A 233 -5.79 4.43 17.50
CA LEU A 233 -5.16 3.43 16.65
C LEU A 233 -3.65 3.27 16.91
N LYS A 234 -2.94 4.39 16.91
CA LYS A 234 -1.51 4.41 17.17
C LYS A 234 -1.17 3.86 18.57
N GLU A 235 -1.90 4.33 19.57
CA GLU A 235 -1.81 3.86 20.97
C GLU A 235 -1.99 2.35 21.06
N LYS A 236 -3.06 1.85 20.45
CA LYS A 236 -3.35 0.41 20.50
C LYS A 236 -2.31 -0.42 19.70
N THR A 237 -1.78 0.13 18.59
CA THR A 237 -0.72 -0.54 17.83
C THR A 237 0.55 -0.79 18.68
N VAL A 238 1.06 0.31 19.23
CA VAL A 238 2.29 0.39 20.00
C VAL A 238 2.22 -0.40 21.32
N GLU A 239 1.02 -0.56 21.89
CA GLU A 239 0.89 -1.39 23.09
C GLU A 239 0.89 -2.87 22.76
N ASN A 240 0.81 -3.24 21.49
CA ASN A 240 0.93 -4.65 21.14
C ASN A 240 1.63 -4.90 19.81
N LEU A 241 2.89 -4.46 19.74
CA LEU A 241 3.63 -4.48 18.48
C LEU A 241 3.80 -5.87 17.90
N GLU A 242 3.96 -6.88 18.77
CA GLU A 242 4.09 -8.27 18.30
C GLU A 242 2.85 -8.76 17.55
N LYS A 243 1.69 -8.35 18.06
CA LYS A 243 0.41 -8.65 17.42
C LYS A 243 0.18 -7.93 16.05
N TYR A 244 0.67 -6.70 15.94
CA TYR A 244 0.35 -5.85 14.80
C TYR A 244 1.42 -5.64 13.75
N VAL A 245 2.70 -5.94 14.05
CA VAL A 245 3.78 -5.52 13.14
C VAL A 245 4.76 -6.66 12.92
N VAL A 246 4.94 -7.02 11.64
CA VAL A 246 5.96 -8.02 11.19
C VAL A 246 7.37 -7.57 11.60
N LYS A 247 8.14 -8.49 12.19
CA LYS A 247 9.49 -8.17 12.59
C LYS A 247 10.47 -9.19 12.01
N ASP A 248 11.65 -8.75 11.59
CA ASP A 248 12.54 -9.61 10.77
C ASP A 248 13.98 -9.29 11.08
N GLY A 249 14.76 -10.26 11.57
CA GLY A 249 16.18 -10.06 11.81
C GLY A 249 16.95 -9.63 10.57
N LYS A 250 16.45 -9.98 9.38
CA LYS A 250 17.16 -9.60 8.12
C LYS A 250 17.11 -8.12 7.72
N LEU A 251 16.17 -7.37 8.31
CA LEU A 251 16.06 -5.93 8.12
C LEU A 251 17.32 -5.16 8.44
N PRO A 252 17.83 -5.22 9.71
CA PRO A 252 19.13 -4.56 9.96
C PRO A 252 20.27 -5.00 9.03
N LEU A 253 20.32 -6.29 8.70
CA LEU A 253 21.31 -6.85 7.79
C LEU A 253 21.22 -6.16 6.41
N LEU A 254 20.03 -6.10 5.82
CA LEU A 254 19.93 -5.49 4.49
C LEU A 254 20.26 -3.98 4.53
N LEU A 255 19.71 -3.24 5.48
CA LEU A 255 20.04 -1.84 5.60
C LEU A 255 21.53 -1.58 5.80
N SER A 256 22.20 -2.40 6.62
CA SER A 256 23.64 -2.25 6.79
C SER A 256 24.37 -2.53 5.49
N ARG A 257 23.93 -3.51 4.70
CA ARG A 257 24.59 -3.75 3.41
C ARG A 257 24.37 -2.61 2.40
N MET A 258 23.17 -2.02 2.40
CA MET A 258 22.92 -0.84 1.59
C MET A 258 23.83 0.33 1.95
N LYS A 259 24.08 0.52 3.24
CA LYS A 259 24.90 1.62 3.73
C LYS A 259 26.37 1.47 3.36
N GLU A 260 26.82 0.24 3.13
CA GLU A 260 28.19 -0.03 2.67
C GLU A 260 28.40 0.47 1.25
N VAL A 261 27.37 0.44 0.43
CA VAL A 261 27.57 0.89 -0.95
C VAL A 261 26.93 2.23 -1.30
N GLY A 262 26.11 2.79 -0.40
CA GLY A 262 25.43 4.04 -0.70
C GLY A 262 24.95 4.76 0.54
N LYS A 263 24.19 5.82 0.33
CA LYS A 263 23.53 6.47 1.45
C LYS A 263 22.16 5.86 1.63
N VAL A 264 21.62 5.97 2.84
CA VAL A 264 20.31 5.43 3.16
C VAL A 264 19.47 6.51 3.83
N PHE A 265 18.23 6.73 3.37
CA PHE A 265 17.40 7.73 4.05
C PHE A 265 15.97 7.24 4.37
N LEU A 266 15.34 7.91 5.32
CA LEU A 266 13.98 7.61 5.67
C LEU A 266 13.21 8.91 5.39
N ALA A 267 12.09 8.82 4.67
CA ALA A 267 11.20 9.96 4.47
C ALA A 267 9.78 9.46 4.67
N THR A 268 9.18 9.74 5.82
CA THR A 268 7.87 9.20 6.20
C THR A 268 6.87 10.30 6.46
N ASN A 269 5.60 10.03 6.17
CA ASN A 269 4.53 10.92 6.58
C ASN A 269 4.28 10.95 8.07
N SER A 270 4.59 9.85 8.77
CA SER A 270 4.43 9.80 10.26
C SER A 270 5.25 10.82 11.04
N ASP A 271 4.79 11.15 12.25
CA ASP A 271 5.50 12.03 13.18
C ASP A 271 6.68 11.29 13.83
N TYR A 272 7.58 12.06 14.44
CA TYR A 272 8.73 11.45 15.13
C TYR A 272 8.45 10.42 16.24
N LYS A 273 7.49 10.71 17.13
CA LYS A 273 7.27 9.83 18.29
C LYS A 273 6.80 8.46 17.87
N TYR A 274 5.87 8.41 16.92
CA TYR A 274 5.37 7.16 16.41
C TYR A 274 6.48 6.37 15.68
N THR A 275 7.21 7.07 14.81
CA THR A 275 8.30 6.51 14.04
C THR A 275 9.37 5.95 14.96
N ASP A 276 9.72 6.70 15.98
CA ASP A 276 10.69 6.20 16.96
C ASP A 276 10.20 4.91 17.67
N LYS A 277 8.93 4.86 18.09
CA LYS A 277 8.39 3.65 18.70
C LYS A 277 8.41 2.44 17.76
N ILE A 278 7.97 2.63 16.53
CA ILE A 278 7.89 1.54 15.56
C ILE A 278 9.25 1.03 15.18
N MET A 279 10.12 1.97 14.85
CA MET A 279 11.46 1.67 14.40
C MET A 279 12.30 1.01 15.50
N THR A 280 12.15 1.47 16.75
CA THR A 280 12.80 0.86 17.86
C THR A 280 12.42 -0.61 17.91
N TYR A 281 11.14 -0.90 17.77
CA TYR A 281 10.65 -2.28 17.76
C TYR A 281 11.25 -3.11 16.63
N LEU A 282 11.31 -2.55 15.42
CA LEU A 282 11.78 -3.30 14.25
C LEU A 282 13.24 -3.69 14.37
N PHE A 283 13.99 -2.92 15.14
CA PHE A 283 15.39 -3.15 15.38
C PHE A 283 15.68 -3.82 16.74
N ASP A 284 14.64 -4.25 17.45
CA ASP A 284 14.85 -4.73 18.84
C ASP A 284 15.25 -6.21 18.83
N PHE A 285 16.54 -6.43 18.67
CA PHE A 285 17.19 -7.73 18.65
C PHE A 285 18.36 -7.63 19.60
N PRO A 286 18.77 -8.78 20.18
CA PRO A 286 19.92 -8.68 21.08
C PRO A 286 21.22 -8.69 20.29
N HIS A 287 21.23 -8.08 19.11
CA HIS A 287 22.39 -8.00 18.21
C HIS A 287 22.12 -6.92 17.15
N GLY A 288 23.16 -6.55 16.42
CA GLY A 288 23.04 -5.54 15.38
C GLY A 288 22.71 -6.29 14.09
N PRO A 289 23.33 -5.91 12.98
CA PRO A 289 23.08 -6.51 11.63
C PRO A 289 23.08 -8.04 11.63
N LYS A 290 24.16 -8.64 12.12
CA LYS A 290 24.35 -10.08 12.20
C LYS A 290 24.31 -10.55 13.66
N PRO A 291 23.79 -11.77 13.92
CA PRO A 291 24.00 -12.32 15.26
C PRO A 291 25.49 -12.26 15.69
N GLY A 292 25.73 -11.87 16.94
CA GLY A 292 27.09 -11.71 17.47
C GLY A 292 27.53 -10.27 17.54
N SER A 293 26.90 -9.40 16.73
CA SER A 293 27.32 -8.02 16.66
C SER A 293 26.59 -7.17 17.71
N SER A 294 27.24 -6.13 18.21
CA SER A 294 26.54 -5.19 19.10
C SER A 294 25.29 -4.61 18.46
N HIS A 295 24.22 -4.55 19.24
CA HIS A 295 23.03 -3.81 18.81
C HIS A 295 23.39 -2.31 18.59
N ARG A 296 22.82 -1.70 17.56
CA ARG A 296 22.86 -0.23 17.42
C ARG A 296 21.47 0.38 17.21
N PRO A 297 21.28 1.66 17.63
CA PRO A 297 19.97 2.32 17.53
C PRO A 297 19.56 2.38 16.08
N TRP A 298 18.27 2.21 15.84
CA TRP A 298 17.70 2.34 14.49
C TRP A 298 18.22 3.58 13.71
N GLN A 299 18.46 4.71 14.40
CA GLN A 299 18.81 5.95 13.71
C GLN A 299 20.18 5.86 13.06
N SER A 300 21.13 5.07 13.62
CA SER A 300 22.45 4.91 13.03
C SER A 300 22.39 4.22 11.65
N TYR A 301 21.27 3.65 11.27
CA TYR A 301 21.20 3.00 9.96
C TYR A 301 20.88 4.00 8.80
N PHE A 302 20.65 5.27 9.16
CA PHE A 302 20.22 6.29 8.17
C PHE A 302 21.14 7.49 8.12
N ASP A 303 21.51 7.92 6.92
CA ASP A 303 22.26 9.16 6.72
C ASP A 303 21.31 10.34 6.82
N LEU A 304 20.02 10.12 6.63
CA LEU A 304 19.05 11.22 6.74
C LEU A 304 17.73 10.67 7.18
N ILE A 305 17.10 11.34 8.14
CA ILE A 305 15.81 10.91 8.63
C ILE A 305 14.88 12.08 8.52
N LEU A 306 13.78 11.89 7.80
CA LEU A 306 12.80 12.97 7.65
C LEU A 306 11.39 12.42 7.96
N VAL A 307 10.73 13.09 8.89
CA VAL A 307 9.39 12.78 9.29
C VAL A 307 8.44 13.92 8.84
N ASP A 308 7.13 13.72 9.04
CA ASP A 308 6.08 14.68 8.63
C ASP A 308 6.28 15.12 7.17
N ALA A 309 6.60 14.17 6.28
CA ALA A 309 7.03 14.49 4.91
C ALA A 309 5.98 15.16 4.08
N ARG A 310 4.71 14.91 4.42
N ARG A 310 4.71 14.86 4.38
CA ARG A 310 3.54 15.36 3.62
CA ARG A 310 3.55 15.37 3.62
C ARG A 310 3.65 15.04 2.13
C ARG A 310 3.63 15.02 2.13
N LYS A 311 3.87 13.75 1.84
CA LYS A 311 3.83 13.24 0.47
C LYS A 311 2.34 13.13 0.13
N PRO A 312 1.93 13.39 -1.13
CA PRO A 312 2.73 13.66 -2.32
C PRO A 312 3.28 15.09 -2.54
N LEU A 313 2.74 16.10 -1.83
CA LEU A 313 3.21 17.51 -1.95
C LEU A 313 4.74 17.66 -1.82
N PHE A 314 5.33 16.79 -1.00
CA PHE A 314 6.77 16.63 -0.82
C PHE A 314 7.56 16.61 -2.15
N PHE A 315 7.00 15.97 -3.16
CA PHE A 315 7.68 15.87 -4.46
C PHE A 315 7.48 17.08 -5.38
N GLY A 316 6.74 18.10 -4.91
CA GLY A 316 6.69 19.43 -5.54
C GLY A 316 7.32 20.51 -4.67
N GLU A 317 6.51 21.52 -4.31
CA GLU A 317 6.99 22.64 -3.49
C GLU A 317 7.36 22.21 -2.07
N GLY A 318 6.71 21.14 -1.61
CA GLY A 318 6.92 20.63 -0.27
C GLY A 318 6.43 21.63 0.77
N THR A 319 6.96 21.49 1.98
CA THR A 319 6.73 22.46 3.04
C THR A 319 8.04 22.93 3.57
N VAL A 320 7.98 23.90 4.46
CA VAL A 320 9.16 24.41 5.09
C VAL A 320 9.96 23.29 5.84
N LEU A 321 11.28 23.34 5.69
CA LEU A 321 12.16 22.42 6.39
C LEU A 321 12.28 22.77 7.91
N ARG A 322 11.87 21.82 8.74
CA ARG A 322 11.91 21.98 10.19
C ARG A 322 12.88 21.00 10.80
N GLN A 323 13.30 21.30 12.03
CA GLN A 323 14.12 20.39 12.81
C GLN A 323 13.37 19.83 14.03
N VAL A 324 13.42 18.52 14.21
CA VAL A 324 12.80 17.88 15.36
C VAL A 324 13.72 18.01 16.58
N ASP A 325 13.14 18.42 17.69
CA ASP A 325 13.78 18.24 18.99
C ASP A 325 13.52 16.80 19.50
N THR A 326 14.49 15.92 19.34
CA THR A 326 14.25 14.48 19.58
C THR A 326 14.05 14.11 21.05
N LYS A 327 14.36 15.01 21.97
CA LYS A 327 14.07 14.81 23.41
C LYS A 327 12.58 14.89 23.76
N THR A 328 11.90 15.93 23.25
CA THR A 328 10.51 16.20 23.54
C THR A 328 9.62 15.60 22.46
N GLY A 329 10.20 15.41 21.27
CA GLY A 329 9.42 15.03 20.09
C GLY A 329 8.67 16.19 19.44
N LYS A 330 8.84 17.40 19.95
CA LYS A 330 8.30 18.60 19.32
C LYS A 330 9.25 19.17 18.26
N LEU A 331 8.69 19.93 17.32
CA LEU A 331 9.51 20.70 16.38
C LEU A 331 10.16 21.89 17.08
N LYS A 332 11.41 22.20 16.76
CA LYS A 332 11.99 23.50 17.15
C LYS A 332 11.25 24.58 16.38
N ILE A 333 11.24 25.78 16.93
CA ILE A 333 10.51 26.87 16.34
C ILE A 333 11.40 27.48 15.24
N GLY A 334 10.81 27.64 14.07
CA GLY A 334 11.53 28.21 12.94
C GLY A 334 11.90 27.22 11.82
N THR A 335 12.23 27.78 10.65
CA THR A 335 12.80 27.03 9.52
C THR A 335 14.27 26.72 9.74
N TYR A 336 14.64 25.46 9.48
CA TYR A 336 16.02 25.01 9.65
C TYR A 336 16.81 25.32 8.39
N THR A 337 17.91 26.01 8.59
CA THR A 337 18.73 26.65 7.54
C THR A 337 20.16 26.08 7.59
N GLY A 338 20.46 25.27 8.60
CA GLY A 338 21.79 24.66 8.79
C GLY A 338 22.07 23.45 7.89
N PRO A 339 23.28 22.85 8.03
CA PRO A 339 23.67 21.69 7.20
C PRO A 339 23.15 20.35 7.70
N LEU A 340 23.45 19.29 6.96
CA LEU A 340 23.19 17.93 7.42
C LEU A 340 24.18 17.64 8.53
N GLN A 341 23.72 17.44 9.77
CA GLN A 341 24.66 17.06 10.85
C GLN A 341 24.28 15.72 11.40
N HIS A 342 25.26 15.02 11.94
CA HIS A 342 24.98 13.75 12.58
C HIS A 342 23.96 13.93 13.68
N GLY A 343 22.96 13.06 13.69
CA GLY A 343 21.98 13.06 14.77
C GLY A 343 20.77 13.98 14.56
N ILE A 344 20.81 14.83 13.55
CA ILE A 344 19.69 15.75 13.34
C ILE A 344 18.50 15.01 12.70
N VAL A 345 17.28 15.31 13.16
CA VAL A 345 16.09 14.79 12.54
C VAL A 345 15.26 15.93 11.95
N TYR A 346 14.93 15.79 10.67
CA TYR A 346 14.13 16.79 9.94
C TYR A 346 12.64 16.48 9.87
N SER A 347 11.86 17.55 9.68
CA SER A 347 10.43 17.47 9.47
C SER A 347 10.03 18.32 8.27
N GLY A 348 9.15 17.79 7.44
CA GLY A 348 8.60 18.53 6.30
C GLY A 348 9.58 18.56 5.16
N GLY A 349 9.88 19.75 4.64
CA GLY A 349 10.91 19.86 3.58
C GLY A 349 10.35 19.41 2.24
N SER A 350 11.22 19.03 1.30
CA SER A 350 10.77 18.54 0.00
C SER A 350 11.74 17.52 -0.53
N SER A 351 11.41 16.89 -1.65
CA SER A 351 12.37 15.93 -2.25
C SER A 351 13.72 16.60 -2.62
N ASP A 352 13.70 17.89 -2.97
CA ASP A 352 14.95 18.60 -3.24
C ASP A 352 15.90 18.68 -2.04
N THR A 353 15.34 18.77 -0.83
CA THR A 353 16.09 18.70 0.42
C THR A 353 16.96 17.48 0.45
N ILE A 354 16.31 16.33 0.22
CA ILE A 354 17.02 15.07 0.20
C ILE A 354 18.16 15.04 -0.82
N CYS A 355 17.88 15.49 -2.03
CA CYS A 355 18.88 15.52 -3.08
C CYS A 355 20.04 16.44 -2.77
N ASP A 356 19.74 17.64 -2.32
CA ASP A 356 20.74 18.61 -1.95
C ASP A 356 21.63 18.04 -0.83
N LEU A 357 21.02 17.62 0.28
CA LEU A 357 21.80 17.13 1.45
C LEU A 357 22.59 15.86 1.21
N LEU A 358 22.03 14.94 0.43
CA LEU A 358 22.78 13.75 0.09
C LEU A 358 23.63 13.84 -1.19
N GLY A 359 23.60 14.96 -1.90
CA GLY A 359 24.37 15.14 -3.14
C GLY A 359 23.99 14.12 -4.19
N ALA A 360 22.68 13.88 -4.34
CA ALA A 360 22.16 12.87 -5.28
C ALA A 360 21.37 13.51 -6.43
N LYS A 361 21.47 12.89 -7.61
CA LYS A 361 20.57 13.16 -8.73
C LYS A 361 19.46 12.12 -8.58
N GLY A 362 18.28 12.42 -9.11
CA GLY A 362 17.13 11.53 -9.08
C GLY A 362 17.42 10.11 -9.50
N LYS A 363 18.16 9.94 -10.59
CA LYS A 363 18.42 8.59 -11.09
C LYS A 363 19.41 7.76 -10.23
N ASP A 364 20.04 8.40 -9.26
CA ASP A 364 20.97 7.75 -8.33
C ASP A 364 20.16 7.21 -7.16
N ILE A 365 18.88 7.56 -7.08
CA ILE A 365 18.01 7.18 -5.94
C ILE A 365 17.05 6.03 -6.26
N LEU A 366 17.11 4.97 -5.45
CA LEU A 366 16.08 3.96 -5.45
C LEU A 366 15.14 4.23 -4.27
N TYR A 367 13.93 4.68 -4.58
CA TYR A 367 12.94 4.95 -3.55
C TYR A 367 11.99 3.75 -3.36
N ILE A 368 11.88 3.32 -2.10
CA ILE A 368 11.16 2.09 -1.73
C ILE A 368 9.91 2.44 -0.93
N GLY A 369 8.72 2.08 -1.47
CA GLY A 369 7.43 2.41 -0.84
C GLY A 369 6.30 1.48 -1.21
N ASP A 370 5.13 1.69 -0.62
CA ASP A 370 3.96 0.85 -0.85
C ASP A 370 2.83 1.65 -1.53
N HIS A 371 2.99 2.95 -1.73
CA HIS A 371 1.87 3.77 -2.24
C HIS A 371 2.05 4.07 -3.71
N ILE A 372 1.31 3.37 -4.56
CA ILE A 372 1.57 3.41 -5.96
C ILE A 372 1.32 4.80 -6.60
N PHE A 373 0.71 5.72 -5.83
CA PHE A 373 0.56 7.12 -6.22
C PHE A 373 1.54 8.06 -5.48
N GLY A 374 1.31 8.25 -4.19
CA GLY A 374 2.08 9.22 -3.42
C GLY A 374 3.56 8.98 -3.36
N ASP A 375 3.96 7.73 -3.26
CA ASP A 375 5.37 7.44 -3.15
C ASP A 375 5.89 7.39 -4.59
N ILE A 376 5.48 6.33 -5.27
CA ILE A 376 6.04 5.80 -6.48
C ILE A 376 5.71 6.61 -7.74
N LEU A 377 4.41 6.81 -8.07
CA LEU A 377 4.02 7.63 -9.20
C LEU A 377 4.67 9.02 -9.15
N LYS A 378 4.52 9.71 -8.03
CA LYS A 378 5.01 11.09 -7.94
C LYS A 378 6.54 11.28 -7.89
N SER A 379 7.28 10.38 -7.26
CA SER A 379 8.75 10.51 -7.31
C SER A 379 9.30 10.18 -8.74
N LYS A 380 8.63 9.28 -9.44
CA LYS A 380 9.01 8.94 -10.80
C LYS A 380 8.66 10.11 -11.73
N LYS A 381 7.41 10.55 -11.77
CA LYS A 381 7.02 11.60 -12.68
C LYS A 381 7.61 12.98 -12.39
N ARG A 382 7.87 13.27 -11.13
CA ARG A 382 8.19 14.68 -10.77
C ARG A 382 9.69 14.87 -10.64
N GLN A 383 10.39 13.78 -10.34
CA GLN A 383 11.79 13.84 -9.99
C GLN A 383 12.67 12.83 -10.74
N GLY A 384 12.08 11.89 -11.45
CA GLY A 384 12.89 10.91 -12.14
C GLY A 384 13.60 9.94 -11.20
N TRP A 385 13.06 9.74 -9.99
CA TRP A 385 13.65 8.75 -9.04
C TRP A 385 13.41 7.31 -9.58
N ARG A 386 14.31 6.39 -9.27
CA ARG A 386 14.03 4.98 -9.52
C ARG A 386 13.15 4.45 -8.40
N THR A 387 12.28 3.50 -8.72
CA THR A 387 11.21 3.15 -7.80
C THR A 387 11.18 1.63 -7.57
N PHE A 388 10.90 1.25 -6.32
CA PHE A 388 10.71 -0.15 -5.92
C PHE A 388 9.38 -0.17 -5.18
N LEU A 389 8.34 -0.78 -5.76
CA LEU A 389 7.08 -0.89 -5.05
C LEU A 389 6.98 -2.21 -4.23
N VAL A 390 6.58 -2.06 -2.97
CA VAL A 390 6.38 -3.17 -2.06
C VAL A 390 4.93 -3.43 -2.18
N ILE A 391 4.57 -4.68 -2.47
CA ILE A 391 3.11 -4.99 -2.56
C ILE A 391 2.81 -6.14 -1.60
N PRO A 392 2.39 -5.84 -0.35
CA PRO A 392 2.31 -6.94 0.64
C PRO A 392 1.45 -8.12 0.20
N GLU A 393 0.33 -7.86 -0.49
CA GLU A 393 -0.60 -8.94 -0.86
C GLU A 393 -0.02 -9.92 -1.85
N LEU A 394 1.08 -9.53 -2.52
CA LEU A 394 1.69 -10.37 -3.52
C LEU A 394 2.21 -11.65 -2.85
N ALA A 395 2.57 -11.56 -1.56
CA ALA A 395 3.12 -12.70 -0.80
C ALA A 395 2.11 -13.85 -0.78
N GLN A 396 0.83 -13.52 -0.98
CA GLN A 396 -0.26 -14.50 -1.06
C GLN A 396 -0.88 -14.66 -2.46
N GLU A 397 -0.99 -13.58 -3.23
CA GLU A 397 -1.44 -13.65 -4.63
C GLU A 397 -0.58 -14.56 -5.51
N LEU A 398 0.72 -14.67 -5.18
CA LEU A 398 1.64 -15.58 -5.85
C LEU A 398 1.25 -17.02 -5.57
N HIS A 399 0.87 -17.33 -4.33
N HIS A 399 0.88 -17.32 -4.31
CA HIS A 399 0.47 -18.68 -4.00
CA HIS A 399 0.40 -18.65 -3.95
C HIS A 399 -0.83 -19.06 -4.73
C HIS A 399 -0.76 -19.00 -4.86
N VAL A 400 -1.77 -18.13 -4.87
CA VAL A 400 -2.99 -18.40 -5.65
C VAL A 400 -2.69 -18.54 -7.16
N TRP A 401 -1.88 -17.63 -7.70
CA TRP A 401 -1.48 -17.63 -9.11
C TRP A 401 -0.87 -18.97 -9.50
N THR A 402 0.02 -19.48 -8.64
CA THR A 402 0.65 -20.79 -8.88
C THR A 402 -0.29 -21.99 -8.81
N ASP A 403 -1.10 -22.15 -7.76
CA ASP A 403 -2.00 -23.32 -7.72
C ASP A 403 -3.43 -23.11 -8.24
N LYS A 404 -3.60 -22.08 -9.05
CA LYS A 404 -4.70 -21.99 -10.01
C LYS A 404 -4.08 -21.77 -11.38
N SER A 405 -2.86 -22.29 -11.55
CA SER A 405 -2.14 -22.35 -12.84
C SER A 405 -3.10 -22.66 -13.98
N SER A 406 -3.65 -23.88 -13.88
CA SER A 406 -4.41 -24.50 -14.95
C SER A 406 -5.83 -23.94 -15.13
N LEU A 407 -6.23 -23.06 -14.21
CA LEU A 407 -7.48 -22.30 -14.35
C LEU A 407 -7.29 -21.07 -15.27
N PHE A 408 -6.18 -20.36 -15.11
CA PHE A 408 -5.82 -19.26 -16.01
C PHE A 408 -5.47 -19.78 -17.39
N GLU A 409 -4.73 -20.89 -17.42
CA GLU A 409 -4.33 -21.52 -18.68
C GLU A 409 -5.58 -21.91 -19.47
N GLU A 410 -6.56 -22.49 -18.78
CA GLU A 410 -7.87 -22.78 -19.37
C GLU A 410 -8.53 -21.52 -19.96
N LEU A 411 -8.51 -20.41 -19.20
CA LEU A 411 -8.99 -19.12 -19.69
C LEU A 411 -8.24 -18.67 -20.96
N GLN A 412 -6.92 -18.83 -20.95
CA GLN A 412 -6.08 -18.48 -22.08
C GLN A 412 -6.36 -19.34 -23.33
N SER A 413 -6.69 -20.60 -23.10
CA SER A 413 -6.98 -21.53 -24.21
C SER A 413 -8.27 -21.18 -24.97
N LEU A 414 -9.25 -20.67 -24.23
CA LEU A 414 -10.57 -20.37 -24.79
C LEU A 414 -10.64 -19.17 -25.76
N ASP A 415 -9.60 -18.35 -25.86
CA ASP A 415 -9.67 -17.18 -26.75
C ASP A 415 -8.82 -17.40 -28.00
N ARG A 440 -19.49 -17.84 -22.64
CA ARG A 440 -20.31 -18.42 -21.57
C ARG A 440 -19.47 -19.24 -20.60
N ARG A 441 -18.65 -20.15 -21.16
CA ARG A 441 -17.58 -20.83 -20.39
C ARG A 441 -16.51 -19.83 -19.92
N ILE A 442 -16.25 -18.82 -20.77
CA ILE A 442 -15.30 -17.74 -20.46
C ILE A 442 -15.72 -16.92 -19.23
N LYS A 443 -17.01 -16.64 -19.08
CA LYS A 443 -17.47 -15.90 -17.91
C LYS A 443 -17.39 -16.73 -16.63
N LYS A 444 -17.62 -18.03 -16.79
CA LYS A 444 -17.66 -18.96 -15.66
C LYS A 444 -16.28 -19.23 -15.10
N VAL A 445 -15.33 -19.48 -16.00
CA VAL A 445 -13.91 -19.64 -15.65
C VAL A 445 -13.33 -18.37 -14.98
N THR A 446 -13.61 -17.20 -15.57
CA THR A 446 -13.32 -15.88 -15.01
C THR A 446 -13.84 -15.77 -13.56
N HIS A 447 -15.11 -16.12 -13.35
CA HIS A 447 -15.67 -16.07 -12.01
C HIS A 447 -14.96 -16.98 -11.03
N ASP A 448 -14.67 -18.21 -11.42
CA ASP A 448 -14.02 -19.16 -10.49
C ASP A 448 -12.55 -18.84 -10.25
N MET A 449 -11.89 -18.28 -11.26
CA MET A 449 -10.55 -17.77 -11.05
C MET A 449 -10.62 -16.72 -9.96
N ASP A 450 -11.49 -15.73 -10.15
CA ASP A 450 -11.57 -14.56 -9.25
C ASP A 450 -11.95 -14.91 -7.80
N MET A 451 -12.81 -15.90 -7.60
CA MET A 451 -13.27 -16.23 -6.26
C MET A 451 -12.16 -16.78 -5.36
N CYS A 452 -11.16 -17.41 -5.96
CA CYS A 452 -10.01 -17.91 -5.21
C CYS A 452 -9.26 -16.82 -4.46
N TYR A 453 -9.37 -15.58 -4.95
CA TYR A 453 -8.71 -14.43 -4.35
C TYR A 453 -9.52 -13.77 -3.26
N GLY A 454 -10.86 -13.87 -3.36
CA GLY A 454 -11.77 -13.11 -2.50
C GLY A 454 -12.97 -12.67 -3.31
N MET A 455 -13.92 -12.03 -2.66
CA MET A 455 -15.14 -11.58 -3.33
C MET A 455 -14.95 -10.52 -4.39
N MET A 456 -13.87 -9.74 -4.25
CA MET A 456 -13.57 -8.65 -5.18
C MET A 456 -12.36 -9.03 -6.03
N GLY A 457 -11.97 -10.30 -5.96
CA GLY A 457 -10.99 -10.88 -6.85
C GLY A 457 -9.58 -10.41 -6.63
N SER A 458 -8.74 -10.67 -7.61
CA SER A 458 -7.34 -10.37 -7.56
C SER A 458 -7.09 -8.86 -7.61
N LEU A 459 -6.06 -8.43 -6.88
CA LEU A 459 -5.56 -7.07 -6.92
C LEU A 459 -5.20 -6.66 -8.39
N PHE A 460 -4.74 -7.65 -9.17
CA PHE A 460 -4.13 -7.42 -10.51
C PHE A 460 -4.99 -7.66 -11.73
N ARG A 461 -6.10 -8.35 -11.58
CA ARG A 461 -6.95 -8.70 -12.71
C ARG A 461 -8.38 -9.12 -12.32
N SER A 462 -9.26 -9.16 -13.33
CA SER A 462 -10.43 -10.05 -13.32
C SER A 462 -10.38 -10.93 -14.60
N GLY A 463 -9.91 -12.17 -14.45
CA GLY A 463 -9.67 -13.05 -15.61
C GLY A 463 -8.54 -12.50 -16.46
N SER A 464 -8.85 -12.25 -17.75
CA SER A 464 -7.87 -11.72 -18.71
C SER A 464 -7.82 -10.19 -18.79
N ARG A 465 -8.55 -9.51 -17.91
N ARG A 465 -8.65 -9.51 -18.00
CA ARG A 465 -8.57 -8.07 -17.92
CA ARG A 465 -8.60 -8.05 -17.93
C ARG A 465 -7.82 -7.50 -16.73
C ARG A 465 -7.69 -7.70 -16.76
N GLN A 466 -6.69 -6.85 -17.01
CA GLN A 466 -5.85 -6.29 -15.97
C GLN A 466 -6.53 -5.09 -15.26
N THR A 467 -6.25 -4.93 -13.97
CA THR A 467 -6.80 -3.76 -13.26
C THR A 467 -6.01 -2.46 -13.50
N LEU A 468 -6.64 -1.34 -13.19
CA LEU A 468 -5.99 -0.05 -13.07
C LEU A 468 -4.76 -0.21 -12.21
N PHE A 469 -4.89 -0.91 -11.09
CA PHE A 469 -3.76 -1.04 -10.18
C PHE A 469 -2.58 -1.73 -10.86
N ALA A 470 -2.81 -2.90 -11.48
CA ALA A 470 -1.82 -3.57 -12.28
C ALA A 470 -1.14 -2.68 -13.35
N SER A 471 -1.91 -1.84 -14.05
N SER A 471 -1.95 -1.95 -14.11
CA SER A 471 -1.33 -0.93 -15.05
CA SER A 471 -1.46 -1.12 -15.21
C SER A 471 -0.50 0.20 -14.42
C SER A 471 -0.52 -0.06 -14.64
N GLN A 472 -0.90 0.69 -13.24
N GLN A 472 -0.91 0.56 -13.52
CA GLN A 472 -0.08 1.68 -12.51
CA GLN A 472 -0.04 1.56 -12.85
C GLN A 472 1.24 1.07 -12.05
C GLN A 472 1.25 0.98 -12.28
N VAL A 473 1.18 -0.19 -11.63
CA VAL A 473 2.40 -0.89 -11.22
C VAL A 473 3.39 -1.04 -12.42
N MET A 474 2.90 -1.54 -13.55
CA MET A 474 3.75 -1.81 -14.70
C MET A 474 4.39 -0.52 -15.19
N ARG A 475 3.63 0.57 -15.19
N ARG A 475 3.59 0.55 -15.14
CA ARG A 475 4.10 1.86 -15.72
CA ARG A 475 3.90 1.86 -15.63
C ARG A 475 4.98 2.68 -14.78
C ARG A 475 4.92 2.65 -14.79
N TYR A 476 4.77 2.59 -13.47
CA TYR A 476 5.52 3.47 -12.57
C TYR A 476 6.49 2.78 -11.58
N ALA A 477 6.36 1.48 -11.34
CA ALA A 477 7.25 0.76 -10.41
C ALA A 477 8.35 0.11 -11.26
N ASP A 478 9.60 0.54 -11.13
CA ASP A 478 10.67 -0.10 -11.93
C ASP A 478 10.84 -1.50 -11.50
N LEU A 479 10.79 -1.69 -10.18
CA LEU A 479 10.93 -2.99 -9.55
C LEU A 479 9.79 -3.15 -8.56
N TYR A 480 9.39 -4.40 -8.29
CA TYR A 480 8.36 -4.64 -7.26
C TYR A 480 8.54 -6.00 -6.64
N ALA A 481 7.96 -6.19 -5.46
CA ALA A 481 8.08 -7.48 -4.75
C ALA A 481 7.10 -7.49 -3.59
N ALA A 482 6.88 -8.65 -2.97
CA ALA A 482 6.03 -8.75 -1.78
C ALA A 482 6.69 -8.03 -0.60
N SER A 483 8.03 -7.97 -0.60
CA SER A 483 8.81 -7.29 0.46
C SER A 483 10.08 -6.70 -0.15
N PHE A 484 10.56 -5.58 0.36
CA PHE A 484 11.88 -5.11 -0.14
C PHE A 484 13.05 -5.97 0.40
N ILE A 485 12.79 -6.81 1.41
CA ILE A 485 13.82 -7.72 1.89
C ILE A 485 14.41 -8.59 0.74
N ASN A 486 13.64 -8.77 -0.33
CA ASN A 486 14.03 -9.67 -1.43
C ASN A 486 15.28 -9.18 -2.13
N LEU A 487 15.57 -7.88 -2.00
CA LEU A 487 16.84 -7.28 -2.42
C LEU A 487 18.10 -7.93 -1.82
N LEU A 488 17.95 -8.54 -0.64
CA LEU A 488 19.04 -9.21 0.06
C LEU A 488 19.56 -10.40 -0.73
N TYR A 489 18.72 -10.91 -1.64
CA TYR A 489 19.03 -12.12 -2.40
C TYR A 489 19.74 -11.84 -3.70
N TYR A 490 20.05 -10.57 -3.94
CA TYR A 490 20.70 -10.16 -5.21
C TYR A 490 22.01 -9.49 -4.87
N PRO A 491 23.05 -9.72 -5.70
CA PRO A 491 24.32 -9.08 -5.32
C PRO A 491 24.28 -7.58 -5.50
N PHE A 492 25.24 -6.94 -4.84
CA PHE A 492 25.45 -5.48 -4.82
C PHE A 492 25.22 -4.74 -6.18
N SER A 493 25.74 -5.32 -7.26
CA SER A 493 25.77 -4.69 -8.58
C SER A 493 24.95 -5.42 -9.64
N TYR A 494 23.95 -6.17 -9.19
CA TYR A 494 23.03 -6.86 -10.08
C TYR A 494 22.39 -5.92 -11.11
N LEU A 495 22.24 -6.40 -12.35
CA LEU A 495 21.44 -5.70 -13.36
C LEU A 495 20.08 -6.36 -13.44
N PHE A 496 19.06 -5.70 -12.91
CA PHE A 496 17.71 -6.19 -13.13
C PHE A 496 17.38 -5.83 -14.60
N ARG A 497 16.90 -6.81 -15.35
CA ARG A 497 16.72 -6.64 -16.79
C ARG A 497 15.26 -6.90 -17.20
N ALA A 498 14.71 -6.03 -18.03
CA ALA A 498 13.43 -6.30 -18.67
C ALA A 498 13.73 -6.25 -20.17
N ALA A 499 13.05 -7.09 -20.96
CA ALA A 499 13.20 -7.09 -22.44
C ALA A 499 12.81 -5.71 -23.02
N HIS A 500 13.50 -5.27 -24.08
CA HIS A 500 13.12 -4.02 -24.74
C HIS A 500 11.69 -4.14 -25.29
N VAL A 501 10.93 -3.06 -25.16
CA VAL A 501 9.58 -2.97 -25.70
C VAL A 501 9.60 -2.58 -27.19
N LEU A 502 8.75 -3.26 -27.97
CA LEU A 502 8.51 -3.01 -29.41
C LEU A 502 7.04 -2.67 -29.66
N MET A 503 6.79 -1.72 -30.53
CA MET A 503 5.42 -1.43 -30.98
C MET A 503 5.00 -2.58 -31.92
N PRO A 504 3.67 -2.77 -32.16
CA PRO A 504 3.13 -3.71 -33.16
C PRO A 504 3.71 -3.66 -34.56
N HIS A 505 3.91 -2.46 -35.12
CA HIS A 505 4.53 -2.37 -36.45
C HIS A 505 6.03 -2.70 -36.47
N GLU A 506 6.65 -2.70 -35.32
CA GLU A 506 8.05 -2.99 -35.18
C GLU A 506 8.35 -4.51 -34.93
N SER A 507 7.32 -5.32 -34.66
CA SER A 507 7.41 -6.74 -34.26
C SER A 507 7.49 -7.71 -35.45
#